data_6V4B
#
_entry.id   6V4B
#
_cell.length_a   81.350
_cell.length_b   81.350
_cell.length_c   99.260
_cell.angle_alpha   90.000
_cell.angle_beta   90.000
_cell.angle_gamma   120.000
#
_symmetry.space_group_name_H-M   'P 61'
#
loop_
_entity.id
_entity.type
_entity.pdbx_description
1 polymer 'Neur_chan_LBD domain-containing protein'
2 non-polymer GLYCEROL
3 non-polymer '4-(2-HYDROXYETHYL)-1-PIPERAZINE ETHANESULFONIC ACID'
4 non-polymer 'PHOSPHATE ION'
5 water water
#
_entity_poly.entity_id   1
_entity_poly.type   'polypeptide(L)'
_entity_poly.pdbx_seq_one_letter_code
;MHNLQQLLPTRSLIWIFSFLTSISIWCTVAHAETEGRVQHFTGYIEDGRGIFYSLPDMKQGDIIYASMQNTGGNLDPLVG
IMAEEIDPAVSLGQVLEKALASENDLISELTAVADRIFLGWDDDGGKGYSASLEFTIPRDGTYHIFAGSTITNQRLDKFQ
PTYTTGSFQLILGLNAPQVISGEGEPEGEVFASLASLEIKPE
;
_entity_poly.pdbx_strand_id   A,B
#
# COMPACT_ATOMS: atom_id res chain seq x y z
N GLY A 36 -13.98 5.67 22.46
CA GLY A 36 -12.97 6.00 21.46
C GLY A 36 -12.21 4.80 20.92
N ARG A 37 -12.00 4.79 19.59
CA ARG A 37 -11.23 3.78 18.86
C ARG A 37 -10.19 4.59 18.12
N VAL A 38 -8.90 4.26 18.34
CA VAL A 38 -7.76 4.95 17.76
C VAL A 38 -6.87 3.90 17.11
N GLN A 39 -6.27 4.30 16.08
CA GLN A 39 -5.51 3.36 15.27
C GLN A 39 -4.43 4.14 14.57
N HIS A 40 -3.18 3.61 14.51
N HIS A 40 -3.14 3.65 14.53
CA HIS A 40 -1.94 4.22 14.02
CA HIS A 40 -1.97 4.35 14.00
C HIS A 40 -1.55 3.58 12.69
C HIS A 40 -1.38 3.62 12.79
N PHE A 41 -0.98 4.39 11.78
CA PHE A 41 -0.39 3.91 10.53
C PHE A 41 0.89 4.68 10.33
N THR A 42 1.88 4.04 9.67
CA THR A 42 3.16 4.65 9.31
C THR A 42 3.21 4.51 7.78
N GLY A 43 3.73 5.52 7.11
CA GLY A 43 3.83 5.47 5.67
C GLY A 43 4.97 6.33 5.18
N TYR A 44 5.21 6.26 3.89
N TYR A 44 5.25 6.21 3.86
CA TYR A 44 6.24 7.04 3.27
CA TYR A 44 6.32 6.92 3.17
C TYR A 44 5.69 7.57 1.97
C TYR A 44 5.80 7.54 1.88
N ILE A 45 5.93 8.87 1.75
CA ILE A 45 5.50 9.62 0.58
C ILE A 45 6.70 9.78 -0.32
N GLU A 46 6.76 9.18 -1.56
N GLU A 46 6.71 9.21 -1.30
CA GLU A 46 7.70 9.48 -2.65
CA GLU A 46 7.98 8.93 -1.99
C GLU A 46 7.01 9.92 -3.96
C GLU A 46 8.30 9.93 -3.07
N ASP A 47 7.66 10.51 -4.96
N ASP A 47 7.24 10.38 -3.62
CA ASP A 47 7.00 10.65 -6.27
CA ASP A 47 7.38 11.48 -4.58
C ASP A 47 5.52 11.09 -6.37
C ASP A 47 6.48 12.69 -4.30
N GLY A 48 5.04 11.85 -5.40
N GLY A 48 5.66 12.62 -3.27
CA GLY A 48 3.66 12.33 -5.38
CA GLY A 48 4.73 13.69 -2.97
C GLY A 48 2.56 11.28 -5.35
C GLY A 48 3.27 13.27 -3.07
N ARG A 49 2.89 10.11 -4.81
N ARG A 49 2.97 12.27 -3.90
CA ARG A 49 1.99 9.01 -4.68
CA ARG A 49 1.60 11.77 -4.01
C ARG A 49 1.50 9.08 -3.25
C ARG A 49 1.25 10.91 -2.79
N GLY A 50 0.29 9.57 -3.13
N GLY A 50 -0.03 10.80 -2.45
CA GLY A 50 -0.39 9.62 -1.83
CA GLY A 50 -0.43 10.06 -1.25
C GLY A 50 -0.90 8.26 -1.43
C GLY A 50 -0.76 8.58 -1.30
N ILE A 51 -1.32 8.11 -0.17
CA ILE A 51 -1.77 6.77 0.23
C ILE A 51 -3.21 6.91 0.72
N PHE A 52 -4.05 5.96 0.30
CA PHE A 52 -5.45 5.86 0.71
C PHE A 52 -5.67 4.84 1.80
N TYR A 53 -6.61 5.15 2.73
CA TYR A 53 -7.02 4.28 3.82
C TYR A 53 -8.52 4.18 3.78
N SER A 54 -9.04 2.95 3.81
CA SER A 54 -10.47 2.62 3.79
C SER A 54 -11.10 2.68 5.17
N LEU A 55 -12.26 3.32 5.27
CA LEU A 55 -13.03 3.42 6.50
C LEU A 55 -14.41 2.79 6.20
N PRO A 56 -14.49 1.45 6.17
CA PRO A 56 -15.78 0.82 5.81
C PRO A 56 -16.83 0.94 6.91
N ASP A 57 -18.10 0.97 6.50
CA ASP A 57 -19.26 0.96 7.41
C ASP A 57 -19.27 2.08 8.47
N MET A 58 -18.93 3.32 8.03
CA MET A 58 -19.04 4.49 8.89
C MET A 58 -20.54 4.80 9.04
N LYS A 59 -20.96 5.27 10.20
CA LYS A 59 -22.36 5.59 10.44
C LYS A 59 -22.56 7.07 10.59
N GLN A 60 -23.70 7.57 10.16
CA GLN A 60 -24.00 8.98 10.26
C GLN A 60 -23.91 9.41 11.70
N GLY A 61 -23.21 10.51 11.90
CA GLY A 61 -23.00 11.05 13.22
C GLY A 61 -21.70 10.64 13.87
N ASP A 62 -21.02 9.65 13.33
CA ASP A 62 -19.72 9.26 13.83
C ASP A 62 -18.76 10.47 13.54
N ILE A 63 -17.77 10.69 14.39
CA ILE A 63 -16.80 11.75 14.11
C ILE A 63 -15.45 11.13 13.88
N ILE A 64 -14.86 11.44 12.73
CA ILE A 64 -13.52 10.98 12.40
C ILE A 64 -12.52 12.09 12.75
N TYR A 65 -11.46 11.72 13.46
CA TYR A 65 -10.37 12.64 13.78
C TYR A 65 -9.13 12.06 13.13
N ALA A 66 -8.36 12.92 12.50
CA ALA A 66 -7.12 12.45 11.91
C ALA A 66 -6.00 13.46 12.19
N SER A 67 -4.82 12.96 12.52
CA SER A 67 -3.64 13.80 12.63
C SER A 67 -2.53 13.08 11.83
N MET A 68 -1.79 13.83 11.04
CA MET A 68 -0.73 13.29 10.23
C MET A 68 0.51 14.14 10.51
N GLN A 69 1.57 13.62 11.02
CA GLN A 69 2.82 14.28 11.34
C GLN A 69 3.97 13.70 10.55
N ASN A 70 4.82 14.66 10.21
CA ASN A 70 6.08 14.36 9.55
C ASN A 70 6.95 13.56 10.58
N THR A 71 7.49 12.42 10.19
CA THR A 71 8.42 11.67 11.08
C THR A 71 9.81 11.50 10.43
N GLY A 72 10.07 12.21 9.33
CA GLY A 72 11.36 12.14 8.65
C GLY A 72 11.29 12.80 7.28
N GLY A 73 12.40 13.39 6.83
CA GLY A 73 12.41 14.07 5.53
C GLY A 73 11.71 15.42 5.58
N ASN A 74 11.53 16.09 4.39
CA ASN A 74 10.95 17.44 4.36
C ASN A 74 9.42 17.44 4.19
N LEU A 75 8.79 16.29 4.33
CA LEU A 75 7.34 16.14 4.13
C LEU A 75 6.47 17.17 4.86
N ASP A 76 5.67 17.92 4.06
CA ASP A 76 4.66 18.88 4.51
C ASP A 76 3.31 18.13 4.28
N PRO A 77 2.72 17.59 5.37
CA PRO A 77 1.51 16.76 5.20
C PRO A 77 0.28 17.48 4.69
N LEU A 78 -0.51 16.71 3.93
CA LEU A 78 -1.82 16.98 3.43
C LEU A 78 -2.66 15.74 3.79
N VAL A 79 -3.73 15.96 4.55
CA VAL A 79 -4.66 14.88 4.97
C VAL A 79 -6.05 15.30 4.54
N GLY A 80 -6.78 14.35 3.96
CA GLY A 80 -8.14 14.59 3.53
C GLY A 80 -9.04 13.40 3.72
N ILE A 81 -10.34 13.63 3.62
CA ILE A 81 -11.35 12.60 3.68
C ILE A 81 -12.30 12.80 2.52
N MET A 82 -12.73 11.70 1.94
CA MET A 82 -13.71 11.69 0.88
C MET A 82 -14.61 10.43 1.04
N ALA A 83 -15.66 10.35 0.23
CA ALA A 83 -16.60 9.22 0.23
C ALA A 83 -16.05 8.13 -0.70
N GLU A 84 -16.14 8.30 -2.03
CA GLU A 84 -15.58 7.38 -3.03
C GLU A 84 -14.12 7.80 -3.27
N GLU A 85 -13.24 6.81 -3.51
CA GLU A 85 -11.83 7.07 -3.74
C GLU A 85 -11.59 7.75 -5.10
N ILE A 86 -11.19 9.14 -5.05
CA ILE A 86 -10.79 9.72 -6.34
C ILE A 86 -9.29 10.08 -6.26
N ASP A 87 -8.53 10.23 -7.20
CA ASP A 87 -7.10 10.55 -7.16
C ASP A 87 -6.76 12.03 -7.17
N PRO A 88 -6.23 12.58 -6.05
CA PRO A 88 -5.86 14.00 -6.05
C PRO A 88 -4.67 14.32 -6.96
N ALA A 89 -3.87 13.27 -7.32
CA ALA A 89 -2.66 13.47 -8.12
C ALA A 89 -2.94 14.21 -9.43
N VAL A 90 -4.06 13.90 -10.06
CA VAL A 90 -4.41 14.54 -11.35
C VAL A 90 -4.64 16.05 -11.20
N SER A 91 -5.61 16.47 -10.35
CA SER A 91 -5.88 17.89 -10.16
C SER A 91 -4.73 18.64 -9.48
N LEU A 92 -4.02 18.02 -8.50
CA LEU A 92 -2.87 18.69 -7.85
C LEU A 92 -1.69 18.85 -8.82
N GLY A 93 -1.53 17.86 -9.72
CA GLY A 93 -0.53 17.92 -10.79
C GLY A 93 -0.76 19.13 -11.66
N GLN A 94 -2.03 19.46 -11.94
CA GLN A 94 -2.35 20.64 -12.75
C GLN A 94 -1.99 21.96 -12.02
N VAL A 95 -2.07 21.97 -10.66
CA VAL A 95 -1.72 23.14 -9.84
C VAL A 95 -0.21 23.37 -10.01
N LEU A 96 0.58 22.28 -9.98
CA LEU A 96 2.05 22.31 -10.12
C LEU A 96 2.55 22.90 -11.42
N GLU A 97 1.75 22.69 -12.53
CA GLU A 97 2.08 23.35 -13.80
C GLU A 97 1.71 24.82 -13.84
N LYS A 98 0.86 25.27 -13.19
CA LYS A 98 0.44 26.67 -13.26
C LYS A 98 1.55 27.66 -12.98
N ALA A 99 1.49 28.82 -13.65
CA ALA A 99 2.43 29.90 -13.44
C ALA A 99 1.94 30.59 -12.18
N LEU A 100 2.66 30.37 -11.08
CA LEU A 100 2.35 30.91 -9.76
C LEU A 100 3.48 31.82 -9.34
N ALA A 101 3.14 33.04 -8.96
CA ALA A 101 4.14 34.04 -8.58
C ALA A 101 4.32 34.17 -7.07
N SER A 102 3.35 33.67 -6.29
CA SER A 102 3.41 33.82 -4.84
C SER A 102 2.65 32.77 -4.09
N GLU A 103 2.90 32.72 -2.78
CA GLU A 103 2.20 31.81 -1.88
C GLU A 103 0.68 32.10 -1.88
N ASN A 104 0.26 33.38 -1.98
CA ASN A 104 -1.17 33.74 -2.05
C ASN A 104 -1.85 33.07 -3.28
N ASP A 105 -1.18 33.14 -4.45
CA ASP A 105 -1.65 32.50 -5.70
C ASP A 105 -1.74 30.96 -5.50
N LEU A 106 -0.71 30.36 -4.88
CA LEU A 106 -0.69 28.93 -4.62
C LEU A 106 -1.84 28.53 -3.68
N ILE A 107 -2.01 29.25 -2.53
CA ILE A 107 -3.10 28.98 -1.58
C ILE A 107 -4.46 29.01 -2.32
N SER A 108 -4.67 30.03 -3.16
CA SER A 108 -5.91 30.19 -3.97
C SER A 108 -6.18 28.95 -4.88
N GLU A 109 -5.21 28.55 -5.68
CA GLU A 109 -5.35 27.40 -6.56
C GLU A 109 -5.53 26.08 -5.83
N LEU A 110 -4.72 25.87 -4.81
CA LEU A 110 -4.77 24.67 -4.03
C LEU A 110 -6.09 24.50 -3.32
N THR A 111 -6.57 25.56 -2.73
CA THR A 111 -7.83 25.53 -2.01
C THR A 111 -9.01 25.22 -2.93
N ALA A 112 -9.02 25.82 -4.09
CA ALA A 112 -10.10 25.59 -5.09
C ALA A 112 -10.17 24.08 -5.43
N VAL A 113 -9.00 23.49 -5.70
CA VAL A 113 -8.87 22.06 -6.04
C VAL A 113 -9.24 21.17 -4.85
N ALA A 114 -8.59 21.37 -3.68
CA ALA A 114 -8.82 20.56 -2.49
C ALA A 114 -10.28 20.60 -1.97
N ASP A 115 -10.91 21.77 -2.01
CA ASP A 115 -12.32 21.94 -1.62
C ASP A 115 -13.21 21.13 -2.54
N ARG A 116 -12.81 20.93 -3.79
CA ARG A 116 -13.61 20.16 -4.72
C ARG A 116 -13.42 18.64 -4.51
N ILE A 117 -12.17 18.21 -4.36
CA ILE A 117 -11.72 16.82 -4.22
C ILE A 117 -12.12 16.18 -2.88
N PHE A 118 -11.95 16.92 -1.78
CA PHE A 118 -12.21 16.40 -0.43
C PHE A 118 -13.48 16.90 0.19
N LEU A 119 -14.09 16.08 1.06
CA LEU A 119 -15.24 16.44 1.90
C LEU A 119 -14.71 17.27 3.08
N GLY A 120 -13.47 17.01 3.47
CA GLY A 120 -12.77 17.71 4.53
C GLY A 120 -11.28 17.50 4.32
N TRP A 121 -10.46 18.54 4.59
CA TRP A 121 -9.00 18.43 4.41
C TRP A 121 -8.24 19.45 5.23
N ASP A 122 -6.93 19.22 5.37
CA ASP A 122 -6.04 20.12 6.08
C ASP A 122 -4.64 19.84 5.60
N ASP A 123 -3.89 20.90 5.50
CA ASP A 123 -2.47 20.78 5.25
C ASP A 123 -1.73 21.59 6.34
N ASP A 124 -0.42 21.60 6.32
CA ASP A 124 0.36 22.26 7.36
C ASP A 124 0.74 23.72 7.01
N GLY A 125 0.13 24.27 5.94
CA GLY A 125 0.40 25.61 5.43
C GLY A 125 1.85 25.80 5.01
N GLY A 126 2.57 24.68 4.82
CA GLY A 126 4.00 24.68 4.54
C GLY A 126 4.85 25.12 5.72
N LYS A 127 4.31 25.03 6.97
CA LYS A 127 5.07 25.47 8.15
C LYS A 127 4.90 24.58 9.39
N GLY A 128 3.74 23.95 9.56
CA GLY A 128 3.43 23.13 10.72
C GLY A 128 4.07 21.76 10.84
N TYR A 129 4.29 21.06 9.70
CA TYR A 129 4.77 19.66 9.64
C TYR A 129 3.80 18.66 10.32
N SER A 130 2.57 19.14 10.51
CA SER A 130 1.49 18.40 11.13
C SER A 130 0.21 18.91 10.51
N ALA A 131 -0.73 17.99 10.23
CA ALA A 131 -2.02 18.37 9.67
C ALA A 131 -3.07 17.60 10.43
N SER A 132 -4.17 18.26 10.77
CA SER A 132 -5.22 17.57 11.54
C SER A 132 -6.57 17.93 11.01
N LEU A 133 -7.49 17.02 11.18
CA LEU A 133 -8.83 17.13 10.62
C LEU A 133 -9.84 16.54 11.62
N GLU A 134 -11.05 17.07 11.59
CA GLU A 134 -12.21 16.59 12.35
C GLU A 134 -13.33 16.59 11.33
N PHE A 135 -14.03 15.46 11.20
CA PHE A 135 -15.08 15.36 10.19
C PHE A 135 -16.23 14.52 10.69
N THR A 136 -17.44 15.08 10.63
CA THR A 136 -18.66 14.38 11.04
C THR A 136 -19.20 13.64 9.82
N ILE A 137 -19.32 12.31 9.94
CA ILE A 137 -19.85 11.48 8.86
C ILE A 137 -21.31 11.93 8.52
N PRO A 138 -21.60 12.37 7.27
CA PRO A 138 -22.95 12.87 6.94
C PRO A 138 -23.99 11.78 6.62
N ARG A 139 -23.52 10.60 6.20
CA ARG A 139 -24.36 9.47 5.84
C ARG A 139 -23.62 8.16 6.00
N ASP A 140 -24.37 7.07 6.22
CA ASP A 140 -23.76 5.75 6.32
C ASP A 140 -23.04 5.40 5.02
N GLY A 141 -21.88 4.78 5.14
CA GLY A 141 -21.13 4.35 3.97
C GLY A 141 -19.66 4.20 4.23
N THR A 142 -18.93 3.86 3.16
CA THR A 142 -17.48 3.70 3.16
C THR A 142 -16.85 5.05 2.80
N TYR A 143 -15.88 5.45 3.61
CA TYR A 143 -15.13 6.68 3.38
C TYR A 143 -13.67 6.32 3.21
N HIS A 144 -12.90 7.26 2.66
CA HIS A 144 -11.48 7.08 2.46
C HIS A 144 -10.71 8.28 2.98
N ILE A 145 -9.63 7.99 3.70
CA ILE A 145 -8.68 9.00 4.17
C ILE A 145 -7.51 8.99 3.17
N PHE A 146 -7.08 10.18 2.78
CA PHE A 146 -5.92 10.39 1.91
C PHE A 146 -4.80 11.02 2.75
N ALA A 147 -3.59 10.45 2.69
CA ALA A 147 -2.42 10.96 3.36
C ALA A 147 -1.37 11.18 2.29
N GLY A 148 -0.98 12.44 2.11
CA GLY A 148 0.02 12.78 1.10
C GLY A 148 0.79 14.03 1.42
N SER A 149 1.39 14.61 0.38
CA SER A 149 2.13 15.83 0.51
C SER A 149 1.30 16.98 -0.01
N THR A 150 1.43 18.14 0.64
CA THR A 150 0.86 19.34 0.09
C THR A 150 1.91 19.90 -0.95
N ILE A 151 1.65 21.08 -1.45
CA ILE A 151 2.50 21.74 -2.44
C ILE A 151 3.07 22.99 -1.77
N THR A 152 4.39 23.14 -1.77
CA THR A 152 5.02 24.27 -1.14
C THR A 152 6.26 24.71 -1.91
N ASN A 153 6.66 25.97 -1.71
CA ASN A 153 7.88 26.47 -2.33
C ASN A 153 9.08 26.30 -1.39
N GLN A 154 10.18 25.79 -1.93
CA GLN A 154 11.40 25.55 -1.15
C GLN A 154 12.63 26.26 -1.75
N ARG A 155 12.43 27.09 -2.78
CA ARG A 155 13.51 27.79 -3.48
C ARG A 155 13.55 29.29 -3.24
N LEU A 156 14.76 29.85 -3.05
CA LEU A 156 14.94 31.30 -2.89
C LEU A 156 15.17 31.98 -4.24
N ASP A 157 15.51 31.20 -5.28
CA ASP A 157 15.87 31.77 -6.58
C ASP A 157 14.65 32.09 -7.49
N LYS A 158 13.46 31.62 -7.11
CA LYS A 158 12.16 31.82 -7.77
C LYS A 158 11.06 31.14 -6.97
N PHE A 159 9.81 31.50 -7.25
CA PHE A 159 8.69 30.84 -6.60
C PHE A 159 8.23 29.73 -7.57
N GLN A 160 8.67 28.48 -7.29
CA GLN A 160 8.36 27.31 -8.13
C GLN A 160 8.03 26.16 -7.17
N PRO A 161 6.80 26.07 -6.71
CA PRO A 161 6.48 25.05 -5.69
C PRO A 161 6.51 23.61 -6.22
N THR A 162 6.68 22.65 -5.29
CA THR A 162 6.73 21.23 -5.64
C THR A 162 6.12 20.47 -4.48
N TYR A 163 6.05 19.16 -4.65
CA TYR A 163 5.67 18.26 -3.57
C TYR A 163 6.89 18.13 -2.61
N THR A 164 6.66 17.45 -1.48
CA THR A 164 7.69 17.13 -0.50
C THR A 164 7.66 15.60 -0.32
N THR A 165 8.70 15.04 0.31
CA THR A 165 8.85 13.59 0.49
C THR A 165 9.27 13.27 1.94
N GLY A 166 8.94 12.05 2.38
CA GLY A 166 9.34 11.61 3.71
C GLY A 166 8.37 10.67 4.35
N SER A 167 8.62 10.36 5.63
CA SER A 167 7.75 9.46 6.37
C SER A 167 6.77 10.23 7.24
N PHE A 168 5.69 9.55 7.60
CA PHE A 168 4.69 10.15 8.45
C PHE A 168 4.10 9.11 9.38
N GLN A 169 3.43 9.60 10.40
CA GLN A 169 2.58 8.79 11.28
C GLN A 169 1.21 9.39 11.13
N LEU A 170 0.26 8.52 10.83
CA LEU A 170 -1.12 8.90 10.69
C LEU A 170 -1.89 8.28 11.82
N ILE A 171 -2.60 9.12 12.59
CA ILE A 171 -3.42 8.69 13.71
C ILE A 171 -4.85 8.96 13.36
N LEU A 172 -5.68 7.91 13.38
CA LEU A 172 -7.10 7.99 13.13
C LEU A 172 -7.89 7.65 14.38
N GLY A 173 -8.89 8.47 14.63
CA GLY A 173 -9.79 8.32 15.77
C GLY A 173 -11.22 8.29 15.30
N LEU A 174 -11.99 7.37 15.88
CA LEU A 174 -13.41 7.24 15.58
C LEU A 174 -14.07 7.52 16.94
N ASN A 175 -14.68 8.73 17.04
CA ASN A 175 -15.30 9.25 18.28
C ASN A 175 -14.25 9.29 19.41
N ALA A 176 -13.00 9.61 19.02
CA ALA A 176 -11.85 9.70 19.92
C ALA A 176 -11.21 11.10 19.75
N PRO A 177 -11.79 12.15 20.39
CA PRO A 177 -11.27 13.52 20.22
C PRO A 177 -9.85 13.76 20.68
N GLN A 178 -9.31 12.91 21.58
CA GLN A 178 -7.92 13.02 22.06
C GLN A 178 -6.89 12.99 20.91
N VAL A 179 -7.27 12.41 19.74
CA VAL A 179 -6.37 12.37 18.57
C VAL A 179 -5.91 13.79 18.14
N ILE A 180 -6.82 14.76 18.12
CA ILE A 180 -6.44 16.11 17.64
C ILE A 180 -5.89 17.00 18.77
N SER A 181 -5.62 16.42 19.96
CA SER A 181 -4.99 17.12 21.08
C SER A 181 -3.54 16.59 21.27
N GLY A 182 -3.13 15.66 20.41
CA GLY A 182 -1.79 15.08 20.40
C GLY A 182 -1.63 13.86 21.28
N GLU A 183 -2.77 13.25 21.67
CA GLU A 183 -2.85 12.05 22.48
C GLU A 183 -3.25 10.92 21.52
N GLY A 184 -2.23 10.34 20.89
CA GLY A 184 -2.39 9.32 19.86
C GLY A 184 -2.50 7.85 20.27
N GLU A 185 -2.35 7.51 21.57
CA GLU A 185 -2.42 6.13 22.09
C GLU A 185 -3.50 5.23 21.40
N PRO A 186 -3.11 4.09 20.78
CA PRO A 186 -4.11 3.21 20.11
C PRO A 186 -5.03 2.52 21.11
N GLU A 187 -6.31 2.36 20.74
CA GLU A 187 -7.32 1.74 21.60
C GLU A 187 -8.53 1.22 20.83
N GLY A 188 -9.23 0.28 21.44
CA GLY A 188 -10.42 -0.34 20.85
C GLY A 188 -10.15 -1.11 19.57
N GLU A 189 -11.23 -1.57 18.89
CA GLU A 189 -11.09 -2.35 17.67
C GLU A 189 -10.79 -1.50 16.45
N VAL A 190 -10.00 -2.06 15.51
CA VAL A 190 -9.62 -1.44 14.24
C VAL A 190 -10.86 -1.08 13.40
N PHE A 191 -10.79 0.01 12.64
CA PHE A 191 -11.91 0.50 11.84
C PHE A 191 -11.43 0.97 10.46
N ALA A 192 -10.10 0.94 10.26
CA ALA A 192 -9.47 1.38 9.02
C ALA A 192 -8.35 0.45 8.56
N SER A 193 -8.06 0.45 7.26
CA SER A 193 -6.94 -0.32 6.71
C SER A 193 -6.42 0.36 5.46
N LEU A 194 -5.23 -0.04 5.02
CA LEU A 194 -4.61 0.46 3.79
C LEU A 194 -5.57 0.13 2.61
N ALA A 195 -5.87 1.11 1.74
CA ALA A 195 -6.78 0.92 0.61
C ALA A 195 -6.01 0.65 -0.68
N GLY B 36 -18.20 -18.70 -7.54
CA GLY B 36 -16.83 -18.24 -7.73
C GLY B 36 -16.70 -16.73 -7.80
N ARG B 37 -15.72 -16.15 -7.06
CA ARG B 37 -15.46 -14.71 -7.03
C ARG B 37 -14.02 -14.47 -7.43
N VAL B 38 -13.80 -13.51 -8.34
CA VAL B 38 -12.48 -13.15 -8.89
C VAL B 38 -12.24 -11.64 -8.73
N GLN B 39 -10.97 -11.38 -8.52
CA GLN B 39 -10.69 -9.97 -8.28
C GLN B 39 -9.26 -9.69 -8.72
N HIS B 40 -8.91 -8.53 -9.35
CA HIS B 40 -7.62 -8.17 -9.96
C HIS B 40 -6.97 -7.07 -9.11
N PHE B 41 -5.63 -7.08 -9.05
CA PHE B 41 -4.82 -6.04 -8.42
C PHE B 41 -3.63 -5.81 -9.32
N THR B 42 -3.10 -4.57 -9.33
CA THR B 42 -1.88 -4.17 -10.03
C THR B 42 -0.95 -3.64 -8.95
N GLY B 43 0.33 -3.91 -9.08
CA GLY B 43 1.29 -3.40 -8.11
C GLY B 43 2.67 -3.29 -8.69
N TYR B 44 3.58 -2.75 -7.90
N TYR B 44 3.57 -2.69 -7.91
CA TYR B 44 4.96 -2.60 -8.33
CA TYR B 44 4.97 -2.44 -8.29
C TYR B 44 5.84 -2.99 -7.19
C TYR B 44 5.90 -2.90 -7.17
N ILE B 45 6.88 -3.75 -7.53
CA ILE B 45 7.87 -4.29 -6.61
C ILE B 45 9.13 -3.45 -6.77
N GLU B 46 9.71 -3.00 -5.59
N GLU B 46 9.19 -2.42 -5.91
CA GLU B 46 11.00 -2.29 -5.47
CA GLU B 46 10.18 -1.35 -5.92
C GLU B 46 11.61 -2.31 -4.04
C GLU B 46 11.60 -1.86 -5.86
N ASP B 47 12.95 -2.21 -3.94
N ASP B 47 11.85 -2.81 -4.94
CA ASP B 47 13.69 -2.24 -2.67
CA ASP B 47 13.18 -3.34 -4.66
C ASP B 47 13.34 -3.46 -1.78
C ASP B 47 13.28 -4.86 -4.63
N GLY B 48 13.08 -4.61 -2.39
N GLY B 48 12.17 -5.56 -4.73
CA GLY B 48 12.70 -5.83 -1.71
CA GLY B 48 12.18 -7.01 -4.65
C GLY B 48 11.48 -5.69 -0.81
C GLY B 48 11.29 -7.50 -3.52
N ARG B 49 10.53 -4.79 -1.17
N ARG B 49 11.09 -6.67 -2.50
CA ARG B 49 9.30 -4.51 -0.43
CA ARG B 49 10.21 -7.06 -1.40
C ARG B 49 8.10 -5.17 -1.12
C ARG B 49 8.75 -6.88 -1.82
N GLY B 50 7.70 -6.32 -0.57
N GLY B 50 7.85 -7.61 -1.17
CA GLY B 50 6.57 -7.08 -1.07
CA GLY B 50 6.45 -7.59 -1.58
C GLY B 50 5.26 -6.44 -0.69
C GLY B 50 5.44 -6.64 -0.97
N ILE B 51 4.14 -6.92 -1.28
CA ILE B 51 2.88 -6.28 -0.93
C ILE B 51 1.95 -7.35 -0.38
N PHE B 52 1.26 -7.00 0.71
CA PHE B 52 0.28 -7.87 1.36
C PHE B 52 -1.15 -7.51 0.98
N TYR B 53 -2.00 -8.54 0.85
CA TYR B 53 -3.42 -8.44 0.57
C TYR B 53 -4.17 -9.24 1.61
N SER B 54 -5.18 -8.64 2.23
CA SER B 54 -5.93 -9.29 3.28
C SER B 54 -7.15 -10.01 2.73
N LEU B 55 -7.40 -11.20 3.24
CA LEU B 55 -8.51 -12.04 2.84
C LEU B 55 -9.33 -12.30 4.12
N PRO B 56 -10.16 -11.32 4.56
CA PRO B 56 -10.91 -11.51 5.80
C PRO B 56 -12.05 -12.51 5.69
N ASP B 57 -12.37 -13.18 6.80
CA ASP B 57 -13.51 -14.10 6.91
C ASP B 57 -13.52 -15.24 5.86
N MET B 58 -12.35 -15.86 5.65
CA MET B 58 -12.24 -17.07 4.83
C MET B 58 -12.85 -18.21 5.62
N LYS B 59 -13.51 -19.16 4.93
CA LYS B 59 -14.15 -20.30 5.58
C LYS B 59 -13.40 -21.58 5.25
N GLN B 60 -13.27 -22.47 6.24
CA GLN B 60 -12.64 -23.77 6.07
C GLN B 60 -13.25 -24.46 4.85
N GLY B 61 -12.39 -24.99 3.99
CA GLY B 61 -12.88 -25.69 2.80
C GLY B 61 -12.91 -24.81 1.57
N ASP B 62 -12.91 -23.47 1.73
CA ASP B 62 -12.84 -22.55 0.58
C ASP B 62 -11.51 -22.81 -0.12
N ILE B 63 -11.48 -22.61 -1.44
CA ILE B 63 -10.21 -22.74 -2.15
C ILE B 63 -9.80 -21.40 -2.74
N ILE B 64 -8.59 -20.96 -2.39
CA ILE B 64 -8.03 -19.72 -2.92
C ILE B 64 -7.13 -20.07 -4.11
N TYR B 65 -7.32 -19.35 -5.23
CA TYR B 65 -6.47 -19.48 -6.40
C TYR B 65 -5.82 -18.12 -6.61
N ALA B 66 -4.55 -18.14 -6.91
CA ALA B 66 -3.85 -16.90 -7.18
C ALA B 66 -2.90 -17.08 -8.35
N SER B 67 -2.84 -16.08 -9.22
CA SER B 67 -1.85 -16.04 -10.30
C SER B 67 -1.23 -14.63 -10.28
N MET B 68 0.09 -14.56 -10.42
CA MET B 68 0.81 -13.30 -10.40
C MET B 68 1.70 -13.30 -11.63
N GLN B 69 1.66 -12.42 -12.46
CA GLN B 69 2.29 -12.29 -13.75
C GLN B 69 3.08 -11.00 -13.84
N ASN B 70 4.28 -11.06 -14.34
CA ASN B 70 5.14 -9.91 -14.61
C ASN B 70 4.40 -9.07 -15.70
N THR B 71 4.25 -7.76 -15.48
CA THR B 71 3.66 -6.88 -16.53
C THR B 71 4.65 -5.75 -16.94
N GLY B 72 5.92 -5.86 -16.51
CA GLY B 72 6.94 -4.86 -16.84
C GLY B 72 8.17 -5.03 -15.96
N GLY B 73 9.36 -4.73 -16.50
CA GLY B 73 10.60 -4.90 -15.75
C GLY B 73 11.04 -6.35 -15.69
N ASN B 74 12.11 -6.66 -14.92
CA ASN B 74 12.65 -8.02 -14.86
C ASN B 74 12.03 -8.87 -13.76
N LEU B 75 10.96 -8.40 -13.14
CA LEU B 75 10.29 -9.10 -12.02
C LEU B 75 10.02 -10.59 -12.25
N ASP B 76 10.59 -11.42 -11.34
CA ASP B 76 10.39 -12.87 -11.25
C ASP B 76 9.46 -13.02 -10.02
N PRO B 77 8.16 -13.26 -10.27
CA PRO B 77 7.18 -13.29 -9.17
C PRO B 77 7.35 -14.42 -8.18
N LEU B 78 7.01 -14.09 -6.94
CA LEU B 78 6.87 -14.95 -5.77
C LEU B 78 5.50 -14.58 -5.17
N VAL B 79 4.62 -15.57 -5.08
CA VAL B 79 3.28 -15.42 -4.50
C VAL B 79 3.13 -16.44 -3.39
N GLY B 80 2.62 -15.99 -2.26
CA GLY B 80 2.39 -16.87 -1.11
C GLY B 80 1.13 -16.54 -0.35
N ILE B 81 0.73 -17.44 0.51
CA ILE B 81 -0.41 -17.25 1.40
C ILE B 81 0.04 -17.66 2.80
N MET B 82 -0.42 -16.89 3.78
CA MET B 82 -0.20 -17.19 5.21
C MET B 82 -1.45 -16.81 6.00
N ALA B 83 -1.48 -17.15 7.30
CA ALA B 83 -2.59 -16.79 8.20
C ALA B 83 -2.40 -15.36 8.76
N GLU B 84 -1.55 -15.18 9.80
CA GLU B 84 -1.19 -13.87 10.33
C GLU B 84 -0.09 -13.29 9.45
N GLU B 85 -0.11 -11.97 9.25
CA GLU B 85 0.87 -11.28 8.41
C GLU B 85 2.26 -11.28 9.06
N ILE B 86 3.20 -11.98 8.37
CA ILE B 86 4.58 -11.84 8.89
C ILE B 86 5.47 -11.33 7.75
N ASP B 87 6.54 -10.84 7.92
CA ASP B 87 7.40 -10.28 6.87
C ASP B 87 8.44 -11.23 6.29
N PRO B 88 8.29 -11.64 5.01
CA PRO B 88 9.30 -12.53 4.41
C PRO B 88 10.65 -11.86 4.22
N ALA B 89 10.68 -10.50 4.21
CA ALA B 89 11.90 -9.75 3.94
C ALA B 89 13.04 -10.13 4.88
N VAL B 90 12.73 -10.39 6.15
CA VAL B 90 13.77 -10.75 7.12
C VAL B 90 14.43 -12.11 6.78
N SER B 91 13.64 -13.20 6.71
CA SER B 91 14.21 -14.52 6.37
C SER B 91 14.78 -14.59 4.94
N LEU B 92 14.13 -13.96 3.95
CA LEU B 92 14.66 -13.96 2.56
C LEU B 92 15.94 -13.15 2.45
N GLY B 93 16.03 -12.07 3.23
CA GLY B 93 17.24 -11.26 3.32
C GLY B 93 18.40 -12.10 3.79
N GLN B 94 18.16 -13.03 4.73
CA GLN B 94 19.23 -13.92 5.22
C GLN B 94 19.69 -14.91 4.12
N VAL B 95 18.79 -15.31 3.19
CA VAL B 95 19.13 -16.20 2.07
C VAL B 95 20.10 -15.44 1.15
N LEU B 96 19.83 -14.15 0.93
CA LEU B 96 20.63 -13.27 0.06
C LEU B 96 22.06 -13.11 0.52
N GLU B 97 22.22 -13.10 1.81
CA GLU B 97 23.60 -12.95 2.27
C GLU B 97 24.32 -14.27 2.49
N LYS B 98 23.79 -15.46 2.29
CA LYS B 98 24.47 -16.76 2.25
C LYS B 98 25.40 -16.92 1.07
N ALA B 99 26.50 -17.67 1.29
CA ALA B 99 27.46 -17.99 0.25
C ALA B 99 26.82 -19.13 -0.53
N LEU B 100 26.31 -18.80 -1.73
CA LEU B 100 25.64 -19.74 -2.61
C LEU B 100 26.45 -19.88 -3.88
N ALA B 101 26.76 -21.12 -4.26
CA ALA B 101 27.59 -21.38 -5.43
C ALA B 101 26.77 -21.76 -6.66
N SER B 102 25.51 -22.15 -6.49
CA SER B 102 24.70 -22.60 -7.61
C SER B 102 23.22 -22.44 -7.38
N GLU B 103 22.45 -22.58 -8.47
CA GLU B 103 20.99 -22.55 -8.42
C GLU B 103 20.44 -23.65 -7.50
N ASN B 104 21.07 -24.87 -7.50
CA ASN B 104 20.65 -25.97 -6.61
C ASN B 104 20.73 -25.54 -5.13
N ASP B 105 21.84 -24.90 -4.74
CA ASP B 105 22.05 -24.38 -3.38
C ASP B 105 20.97 -23.31 -3.05
N LEU B 106 20.69 -22.40 -4.00
CA LEU B 106 19.70 -21.36 -3.84
C LEU B 106 18.31 -21.98 -3.66
N ILE B 107 17.90 -22.93 -4.55
CA ILE B 107 16.59 -23.61 -4.44
C ILE B 107 16.45 -24.24 -3.06
N SER B 108 17.50 -24.93 -2.57
CA SER B 108 17.53 -25.57 -1.24
C SER B 108 17.25 -24.56 -0.10
N GLU B 109 18.03 -23.45 -0.04
CA GLU B 109 17.89 -22.40 0.97
C GLU B 109 16.55 -21.69 0.91
N LEU B 110 16.13 -21.30 -0.31
CA LEU B 110 14.88 -20.59 -0.54
C LEU B 110 13.68 -21.45 -0.14
N THR B 111 13.67 -22.73 -0.56
CA THR B 111 12.58 -23.65 -0.25
C THR B 111 12.42 -23.85 1.26
N ALA B 112 13.53 -24.02 1.99
CA ALA B 112 13.53 -24.22 3.44
C ALA B 112 12.84 -23.02 4.14
N VAL B 113 13.24 -21.81 3.74
CA VAL B 113 12.70 -20.55 4.24
C VAL B 113 11.22 -20.37 3.87
N ALA B 114 10.89 -20.45 2.56
CA ALA B 114 9.52 -20.24 2.07
C ALA B 114 8.51 -21.26 2.64
N ASP B 115 8.92 -22.53 2.77
CA ASP B 115 8.09 -23.59 3.37
C ASP B 115 7.78 -23.23 4.81
N ARG B 116 8.68 -22.54 5.49
CA ARG B 116 8.44 -22.17 6.88
C ARG B 116 7.53 -20.90 7.00
N ILE B 117 7.76 -19.88 6.17
CA ILE B 117 7.07 -18.57 6.13
C ILE B 117 5.63 -18.68 5.60
N PHE B 118 5.44 -19.47 4.55
CA PHE B 118 4.15 -19.56 3.87
C PHE B 118 3.43 -20.85 4.14
N LEU B 119 2.08 -20.80 4.17
CA LEU B 119 1.22 -21.97 4.24
C LEU B 119 1.21 -22.64 2.85
N GLY B 120 1.35 -21.81 1.81
CA GLY B 120 1.40 -22.22 0.42
C GLY B 120 2.11 -21.15 -0.37
N TRP B 121 2.95 -21.53 -1.35
CA TRP B 121 3.69 -20.54 -2.17
C TRP B 121 4.11 -21.09 -3.51
N ASP B 122 4.50 -20.17 -4.40
CA ASP B 122 5.00 -20.53 -5.73
C ASP B 122 5.81 -19.36 -6.22
N ASP B 123 6.86 -19.70 -6.93
CA ASP B 123 7.64 -18.71 -7.65
C ASP B 123 7.75 -19.17 -9.11
N ASP B 124 8.42 -18.41 -9.95
CA ASP B 124 8.52 -18.73 -11.36
C ASP B 124 9.78 -19.53 -11.73
N GLY B 125 10.49 -20.03 -10.71
CA GLY B 125 11.74 -20.78 -10.88
C GLY B 125 12.83 -19.96 -11.57
N GLY B 126 12.64 -18.62 -11.61
CA GLY B 126 13.51 -17.69 -12.32
C GLY B 126 13.42 -17.84 -13.84
N LYS B 127 12.30 -18.41 -14.36
CA LYS B 127 12.16 -18.61 -15.80
C LYS B 127 10.75 -18.36 -16.36
N GLY B 128 9.72 -18.61 -15.56
CA GLY B 128 8.33 -18.47 -16.00
C GLY B 128 7.74 -17.07 -16.14
N TYR B 129 8.16 -16.11 -15.29
CA TYR B 129 7.60 -14.74 -15.19
C TYR B 129 6.12 -14.73 -14.79
N SER B 130 5.67 -15.88 -14.25
CA SER B 130 4.30 -16.11 -13.81
C SER B 130 4.39 -17.10 -12.66
N ALA B 131 3.60 -16.88 -11.62
CA ALA B 131 3.57 -17.78 -10.47
C ALA B 131 2.10 -18.01 -10.15
N SER B 132 1.75 -19.26 -9.82
CA SER B 132 0.35 -19.56 -9.49
C SER B 132 0.27 -20.50 -8.33
N LEU B 133 -0.83 -20.40 -7.60
CA LEU B 133 -1.04 -21.10 -6.36
C LEU B 133 -2.49 -21.53 -6.23
N GLU B 134 -2.72 -22.65 -5.55
CA GLU B 134 -4.03 -23.18 -5.20
C GLU B 134 -3.88 -23.57 -3.74
N PHE B 135 -4.79 -23.09 -2.88
CA PHE B 135 -4.69 -23.35 -1.45
C PHE B 135 -6.06 -23.52 -0.83
N THR B 136 -6.23 -24.65 -0.12
CA THR B 136 -7.48 -24.96 0.59
C THR B 136 -7.38 -24.38 2.00
N ILE B 137 -8.32 -23.49 2.33
CA ILE B 137 -8.36 -22.86 3.65
C ILE B 137 -8.55 -23.96 4.75
N PRO B 138 -7.62 -24.09 5.71
CA PRO B 138 -7.74 -25.15 6.74
C PRO B 138 -8.68 -24.84 7.91
N ARG B 139 -8.90 -23.54 8.18
CA ARG B 139 -9.74 -23.10 9.27
C ARG B 139 -10.30 -21.71 8.99
N ASP B 140 -11.46 -21.40 9.59
CA ASP B 140 -12.06 -20.06 9.44
C ASP B 140 -11.09 -19.02 9.98
N GLY B 141 -10.99 -17.90 9.28
CA GLY B 141 -10.14 -16.81 9.72
C GLY B 141 -9.69 -15.92 8.60
N THR B 142 -8.87 -14.92 8.97
CA THR B 142 -8.27 -13.96 8.08
C THR B 142 -6.94 -14.52 7.57
N TYR B 143 -6.76 -14.46 6.26
CA TYR B 143 -5.52 -14.90 5.60
C TYR B 143 -4.93 -13.74 4.85
N HIS B 144 -3.66 -13.84 4.51
CA HIS B 144 -2.97 -12.81 3.75
C HIS B 144 -2.22 -13.40 2.58
N ILE B 145 -2.34 -12.74 1.42
CA ILE B 145 -1.61 -13.09 0.21
C ILE B 145 -0.41 -12.13 0.16
N PHE B 146 0.76 -12.67 -0.14
CA PHE B 146 1.99 -11.92 -0.32
C PHE B 146 2.34 -11.97 -1.82
N ALA B 147 2.62 -10.80 -2.42
CA ALA B 147 3.05 -10.69 -3.80
C ALA B 147 4.38 -9.95 -3.79
N GLY B 148 5.44 -10.63 -4.22
CA GLY B 148 6.77 -10.04 -4.25
C GLY B 148 7.68 -10.61 -5.29
N SER B 149 8.99 -10.43 -5.07
CA SER B 149 9.98 -10.95 -5.98
C SER B 149 10.59 -12.21 -5.36
N THR B 150 10.92 -13.17 -6.21
CA THR B 150 11.70 -14.29 -5.73
C THR B 150 13.21 -13.84 -5.80
N ILE B 151 14.11 -14.78 -5.55
CA ILE B 151 15.56 -14.52 -5.60
C ILE B 151 16.13 -15.31 -6.77
N THR B 152 16.86 -14.64 -7.65
CA THR B 152 17.42 -15.30 -8.82
C THR B 152 18.78 -14.71 -9.19
N ASN B 153 19.59 -15.49 -9.90
CA ASN B 153 20.87 -14.99 -10.37
C ASN B 153 20.75 -14.41 -11.77
N GLN B 154 21.33 -13.23 -11.99
CA GLN B 154 21.29 -12.52 -13.26
C GLN B 154 22.68 -12.18 -13.81
N ARG B 155 23.74 -12.66 -13.15
CA ARG B 155 25.12 -12.37 -13.52
C ARG B 155 25.88 -13.56 -14.12
N LEU B 156 26.68 -13.32 -15.16
CA LEU B 156 27.50 -14.36 -15.78
C LEU B 156 28.89 -14.41 -15.14
N ASP B 157 29.27 -13.34 -14.40
CA ASP B 157 30.63 -13.24 -13.85
C ASP B 157 30.82 -13.97 -12.51
N LYS B 158 29.71 -14.41 -11.89
CA LYS B 158 29.63 -15.16 -10.62
C LYS B 158 28.19 -15.50 -10.31
N PHE B 159 27.97 -16.44 -9.38
CA PHE B 159 26.61 -16.76 -8.94
C PHE B 159 26.36 -15.93 -7.68
N GLN B 160 25.66 -14.79 -7.83
CA GLN B 160 25.36 -13.84 -6.73
C GLN B 160 23.91 -13.40 -6.92
N PRO B 161 22.95 -14.20 -6.43
CA PRO B 161 21.53 -13.86 -6.70
C PRO B 161 21.03 -12.61 -5.98
N THR B 162 19.94 -12.02 -6.49
CA THR B 162 19.35 -10.80 -5.91
C THR B 162 17.86 -10.88 -6.16
N TYR B 163 17.16 -9.87 -5.66
CA TYR B 163 15.75 -9.69 -5.96
C TYR B 163 15.63 -9.11 -7.40
N THR B 164 14.39 -9.03 -7.89
CA THR B 164 14.03 -8.44 -9.18
C THR B 164 13.00 -7.35 -8.90
N THR B 165 12.76 -6.46 -9.87
CA THR B 165 11.87 -5.32 -9.74
C THR B 165 10.93 -5.20 -10.96
N GLY B 166 9.78 -4.57 -10.75
CA GLY B 166 8.83 -4.32 -11.81
C GLY B 166 7.39 -4.35 -11.40
N SER B 167 6.52 -4.35 -12.39
CA SER B 167 5.09 -4.38 -12.12
C SER B 167 4.51 -5.76 -12.32
N PHE B 168 3.36 -5.98 -11.72
CA PHE B 168 2.67 -7.24 -11.84
C PHE B 168 1.17 -7.03 -11.85
N GLN B 169 0.46 -8.07 -12.29
CA GLN B 169 -0.99 -8.19 -12.15
C GLN B 169 -1.19 -9.42 -11.31
N LEU B 170 -1.97 -9.25 -10.27
CA LEU B 170 -2.31 -10.32 -9.35
C LEU B 170 -3.79 -10.60 -9.49
N ILE B 171 -4.12 -11.85 -9.78
CA ILE B 171 -5.49 -12.32 -9.93
C ILE B 171 -5.78 -13.28 -8.79
N LEU B 172 -6.82 -12.97 -8.03
CA LEU B 172 -7.28 -13.80 -6.91
C LEU B 172 -8.66 -14.37 -7.19
N GLY B 173 -8.81 -15.67 -6.93
CA GLY B 173 -10.07 -16.39 -7.08
C GLY B 173 -10.45 -17.09 -5.78
N LEU B 174 -11.72 -17.00 -5.43
CA LEU B 174 -12.28 -17.68 -4.26
C LEU B 174 -13.28 -18.65 -4.84
N ASN B 175 -12.93 -19.96 -4.83
CA ASN B 175 -13.71 -21.05 -5.44
C ASN B 175 -13.93 -20.76 -6.94
N ALA B 176 -12.91 -20.17 -7.58
CA ALA B 176 -12.90 -19.80 -8.99
C ALA B 176 -11.66 -20.43 -9.65
N PRO B 177 -11.73 -21.74 -10.00
CA PRO B 177 -10.55 -22.43 -10.57
C PRO B 177 -10.03 -21.88 -11.90
N GLN B 178 -10.88 -21.16 -12.67
CA GLN B 178 -10.48 -20.54 -13.95
C GLN B 178 -9.27 -19.60 -13.81
N VAL B 179 -9.01 -19.05 -12.59
CA VAL B 179 -7.87 -18.19 -12.33
C VAL B 179 -6.52 -18.88 -12.71
N ILE B 180 -6.35 -20.17 -12.33
CA ILE B 180 -5.06 -20.82 -12.61
C ILE B 180 -5.00 -21.47 -14.03
N SER B 181 -6.01 -21.17 -14.89
CA SER B 181 -6.08 -21.59 -16.29
C SER B 181 -5.71 -20.41 -17.21
N GLY B 182 -5.58 -19.23 -16.61
CA GLY B 182 -5.27 -17.99 -17.32
C GLY B 182 -6.52 -17.23 -17.73
N GLU B 183 -7.65 -17.55 -17.11
CA GLU B 183 -8.95 -16.91 -17.33
C GLU B 183 -9.19 -16.04 -16.10
N GLY B 184 -8.65 -14.81 -16.16
CA GLY B 184 -8.67 -13.86 -15.07
C GLY B 184 -9.85 -12.93 -14.90
N GLU B 185 -10.83 -12.92 -15.83
CA GLU B 185 -12.02 -12.05 -15.80
C GLU B 185 -12.63 -11.85 -14.37
N PRO B 186 -12.74 -10.58 -13.87
CA PRO B 186 -13.33 -10.36 -12.54
C PRO B 186 -14.81 -10.71 -12.47
N GLU B 187 -15.23 -11.38 -11.37
CA GLU B 187 -16.60 -11.86 -11.13
C GLU B 187 -17.01 -11.77 -9.64
N GLY B 188 -18.31 -11.58 -9.38
CA GLY B 188 -18.89 -11.52 -8.04
C GLY B 188 -18.37 -10.44 -7.11
N GLU B 189 -18.72 -10.54 -5.82
CA GLU B 189 -18.31 -9.55 -4.82
C GLU B 189 -16.85 -9.70 -4.39
N VAL B 190 -16.21 -8.55 -4.08
CA VAL B 190 -14.83 -8.46 -3.60
C VAL B 190 -14.66 -9.25 -2.29
N PHE B 191 -13.47 -9.82 -2.08
CA PHE B 191 -13.18 -10.63 -0.90
C PHE B 191 -11.77 -10.32 -0.37
N ALA B 192 -11.03 -9.47 -1.09
CA ALA B 192 -9.67 -9.08 -0.74
C ALA B 192 -9.41 -7.59 -0.92
N SER B 193 -8.41 -7.07 -0.19
CA SER B 193 -8.01 -5.68 -0.34
C SER B 193 -6.54 -5.54 0.03
N LEU B 194 -5.93 -4.41 -0.33
CA LEU B 194 -4.54 -4.09 0.01
C LEU B 194 -4.43 -4.08 1.56
N ALA B 195 -3.42 -4.78 2.12
CA ALA B 195 -3.23 -4.86 3.56
C ALA B 195 -2.18 -3.85 4.03
#